data_2CMY
#
_entry.id   2CMY
#
_cell.length_a   60.657
_cell.length_b   63.928
_cell.length_c   71.698
_cell.angle_alpha   90.00
_cell.angle_beta   90.00
_cell.angle_gamma   90.00
#
_symmetry.space_group_name_H-M   'P 21 21 21'
#
loop_
_entity.id
_entity.type
_entity.pdbx_description
1 polymer 'CATIONIC TRYPSIN'
2 polymer 'VERONICA HEDERIFOLIA TRYPSIN INHIBITOR'
3 non-polymer 'SULFATE ION'
4 non-polymer 'CALCIUM ION'
5 non-polymer GLYCEROL
6 water water
#
loop_
_entity_poly.entity_id
_entity_poly.type
_entity_poly.pdbx_seq_one_letter_code
_entity_poly.pdbx_strand_id
1 'polypeptide(L)'
;IVGGYTCGANTVPYQVSLNSGYHFCGGSLINSQWVVSAAHCYKSGIQVRLGEDNINVVEGNEQFISASKSIVHPSYNSNT
LNNDIMLIKLKSAASLNSRVASISLPTSCASAGTQCLISGWGNTKSSGTSYPDVLKCLKAPILSDSSCKSAYPGQITSNM
FCAGYLEGGKDSCQGDSGGPVVCSGKLQGIVSWGSGCAQKNKPGVYTKVCNYVSWIKQTIASN
;
A
2 'polypeptide(L)' NTDPEQCKVMCYAQRHSSPELLRRCLDNCEKEHD B
#
# COMPACT_ATOMS: atom_id res chain seq x y z
N ILE A 1 5.09 8.75 -3.42
CA ILE A 1 6.48 8.26 -3.69
C ILE A 1 7.39 9.47 -3.88
N VAL A 2 8.40 9.58 -3.03
CA VAL A 2 9.34 10.70 -3.03
C VAL A 2 10.64 10.13 -3.60
N GLY A 3 11.20 10.76 -4.63
CA GLY A 3 12.49 10.33 -5.21
C GLY A 3 12.39 9.14 -6.15
N GLY A 4 11.16 8.78 -6.52
CA GLY A 4 10.93 7.74 -7.50
C GLY A 4 10.88 8.26 -8.93
N TYR A 5 10.19 7.55 -9.81
CA TYR A 5 10.10 7.94 -11.23
C TYR A 5 8.75 7.61 -11.85
N THR A 6 8.45 8.22 -12.97
CA THR A 6 7.24 7.83 -13.71
C THR A 6 7.38 6.35 -14.18
N CYS A 7 6.47 5.51 -13.69
CA CYS A 7 6.44 4.07 -14.00
C CYS A 7 6.35 3.83 -15.51
N GLY A 8 5.53 4.63 -16.18
CA GLY A 8 4.97 4.27 -17.50
C GLY A 8 3.58 3.63 -17.36
N ALA A 9 2.70 3.93 -18.33
CA ALA A 9 1.28 3.50 -18.38
C ALA A 9 1.13 1.99 -18.36
N ASN A 10 0.48 1.51 -17.30
CA ASN A 10 0.10 0.07 -17.19
C ASN A 10 1.26 -0.91 -17.06
N THR A 11 2.42 -0.40 -16.63
CA THR A 11 3.60 -1.23 -16.41
C THR A 11 3.60 -1.85 -15.00
N VAL A 12 2.66 -1.43 -14.16
CA VAL A 12 2.41 -2.05 -12.85
C VAL A 12 0.93 -2.50 -12.87
N PRO A 13 0.64 -3.63 -13.55
CA PRO A 13 -0.79 -3.90 -13.88
C PRO A 13 -1.72 -4.37 -12.74
N TYR A 14 -1.17 -4.50 -11.54
CA TYR A 14 -1.92 -4.97 -10.36
C TYR A 14 -2.16 -3.79 -9.43
N GLN A 15 -1.57 -2.65 -9.79
CA GLN A 15 -1.78 -1.41 -9.01
C GLN A 15 -3.23 -0.97 -9.11
N VAL A 16 -3.96 -0.99 -7.99
CA VAL A 16 -5.26 -0.32 -8.01
C VAL A 16 -5.26 1.04 -7.27
N SER A 17 -6.15 1.96 -7.65
CA SER A 17 -6.52 3.14 -6.83
C SER A 17 -7.93 2.90 -6.17
N LEU A 18 -8.04 3.22 -4.86
CA LEU A 18 -9.29 3.28 -4.12
C LEU A 18 -9.82 4.73 -4.17
N ASN A 19 -11.11 4.87 -4.51
CA ASN A 19 -11.75 6.10 -4.91
C ASN A 19 -13.19 6.18 -4.34
N SER A 20 -13.17 7.56 -3.46
CA SER A 20 -14.60 7.87 -3.25
C SER A 20 -14.91 9.34 -3.58
N GLY A 21 -14.92 9.63 -4.88
CA GLY A 21 -15.02 10.97 -5.38
C GLY A 21 -13.62 11.54 -5.48
N TYR A 22 -12.64 10.76 -5.05
CA TYR A 22 -11.21 11.23 -5.08
C TYR A 22 -10.38 10.09 -4.61
N HIS A 23 -9.06 10.20 -4.83
CA HIS A 23 -8.10 9.13 -4.53
C HIS A 23 -7.63 9.21 -3.10
N PHE A 24 -7.71 8.09 -2.38
CA PHE A 24 -7.47 8.12 -0.96
C PHE A 24 -6.56 7.01 -0.49
N CYS A 25 -6.38 5.98 -1.31
CA CYS A 25 -5.47 4.81 -1.01
C CYS A 25 -5.23 3.96 -2.26
N GLY A 26 -4.19 3.13 -2.23
CA GLY A 26 -3.98 2.22 -3.34
C GLY A 26 -4.22 0.84 -2.83
N GLY A 27 -3.97 -0.15 -3.67
CA GLY A 27 -4.13 -1.54 -3.23
C GLY A 27 -3.58 -2.36 -4.34
N SER A 28 -3.61 -3.69 -4.20
CA SER A 28 -3.13 -4.66 -5.20
C SER A 28 -4.17 -5.68 -5.54
N LEU A 29 -4.32 -5.94 -6.84
CA LEU A 29 -5.20 -7.02 -7.33
C LEU A 29 -4.48 -8.38 -7.15
N ILE A 30 -5.13 -9.32 -6.47
CA ILE A 30 -4.51 -10.63 -6.27
C ILE A 30 -5.22 -11.79 -6.99
N ASN A 31 -6.50 -11.57 -7.34
CA ASN A 31 -7.20 -12.30 -8.41
C ASN A 31 -8.30 -11.44 -9.08
N SER A 32 -9.14 -12.02 -9.94
CA SER A 32 -10.10 -11.20 -10.69
C SER A 32 -11.19 -10.57 -9.81
N GLN A 33 -11.29 -11.03 -8.57
CA GLN A 33 -12.34 -10.49 -7.68
C GLN A 33 -11.90 -9.93 -6.29
N TRP A 34 -10.60 -9.79 -6.04
CA TRP A 34 -10.14 -9.46 -4.68
C TRP A 34 -8.89 -8.64 -4.75
N VAL A 35 -8.84 -7.66 -3.83
CA VAL A 35 -7.82 -6.67 -3.78
C VAL A 35 -7.26 -6.68 -2.35
N VAL A 36 -5.92 -6.61 -2.23
CA VAL A 36 -5.32 -6.42 -0.92
C VAL A 36 -5.00 -4.95 -0.73
N SER A 37 -5.37 -4.38 0.42
CA SER A 37 -4.92 -3.02 0.80
C SER A 37 -4.60 -2.84 2.31
N ALA A 38 -4.63 -1.62 2.83
CA ALA A 38 -4.32 -1.46 4.26
C ALA A 38 -5.64 -1.42 5.05
N ALA A 39 -5.66 -2.02 6.27
CA ALA A 39 -6.79 -1.98 7.17
C ALA A 39 -7.06 -0.52 7.54
N HIS A 40 -6.01 0.29 7.57
CA HIS A 40 -6.23 1.67 8.00
C HIS A 40 -6.87 2.52 6.92
N CYS A 41 -7.03 1.98 5.72
CA CYS A 41 -7.75 2.68 4.62
C CYS A 41 -9.19 2.23 4.61
N TYR A 42 -9.64 1.50 5.63
CA TYR A 42 -11.04 1.08 5.61
C TYR A 42 -11.92 2.31 5.50
N LYS A 43 -12.81 2.33 4.52
CA LYS A 43 -14.05 3.14 4.64
C LYS A 43 -15.28 2.51 3.90
N SER A 44 -16.46 3.09 4.07
CA SER A 44 -17.62 2.80 3.23
C SER A 44 -17.48 3.41 1.83
N GLY A 45 -18.27 2.92 0.88
CA GLY A 45 -18.44 3.58 -0.40
C GLY A 45 -17.20 3.54 -1.26
N ILE A 46 -16.54 2.38 -1.29
CA ILE A 46 -15.29 2.31 -2.02
C ILE A 46 -15.51 1.88 -3.45
N GLN A 47 -14.99 2.65 -4.40
CA GLN A 47 -14.79 2.22 -5.80
C GLN A 47 -13.33 1.85 -6.15
N VAL A 48 -13.19 0.63 -6.65
CA VAL A 48 -11.91 0.14 -7.08
C VAL A 48 -11.64 0.59 -8.53
N ARG A 49 -10.48 1.20 -8.74
CA ARG A 49 -10.12 1.63 -10.11
C ARG A 49 -8.86 0.92 -10.60
N LEU A 50 -9.09 0.10 -11.62
CA LEU A 50 -8.12 -0.79 -12.27
C LEU A 50 -7.77 -0.28 -13.64
N GLY A 51 -6.72 -0.66 -14.22
CA GLY A 51 -5.64 -0.23 -15.11
C GLY A 51 -5.61 1.27 -15.29
N GLU A 52 -5.51 2.01 -14.17
CA GLU A 52 -5.29 3.45 -14.22
C GLU A 52 -3.84 3.76 -14.53
N ASP A 53 -3.60 4.91 -15.20
CA ASP A 53 -2.31 5.60 -15.20
C ASP A 53 -2.53 7.03 -14.66
N ASN A 54 -3.10 7.90 -15.52
CA ASN A 54 -3.49 9.23 -15.11
C ASN A 54 -4.82 9.15 -14.37
N ILE A 55 -4.80 9.47 -13.09
CA ILE A 55 -6.03 9.22 -12.34
C ILE A 55 -7.02 10.35 -12.49
N ASN A 56 -6.61 11.45 -13.12
CA ASN A 56 -7.51 12.57 -13.42
C ASN A 56 -8.19 12.59 -14.78
N VAL A 57 -7.90 11.61 -15.63
CA VAL A 57 -8.33 11.66 -17.01
C VAL A 57 -8.65 10.24 -17.35
N VAL A 58 -9.72 10.03 -18.13
CA VAL A 58 -10.06 8.75 -18.71
C VAL A 58 -9.26 8.51 -19.99
N GLU A 59 -8.52 7.43 -20.05
CA GLU A 59 -7.51 7.32 -21.06
C GLU A 59 -7.66 6.06 -21.86
N GLY A 60 -8.42 5.11 -21.36
CA GLY A 60 -8.61 3.96 -22.17
C GLY A 60 -8.70 2.59 -21.57
N ASN A 61 -8.02 2.33 -20.45
CA ASN A 61 -7.94 0.93 -19.98
C ASN A 61 -8.50 0.70 -18.57
N GLU A 62 -9.12 1.74 -18.01
CA GLU A 62 -9.80 1.71 -16.74
C GLU A 62 -10.99 0.69 -16.64
N GLN A 63 -11.11 0.07 -15.49
CA GLN A 63 -12.33 -0.61 -15.09
C GLN A 63 -12.68 -0.01 -13.72
N PHE A 64 -13.90 0.49 -13.61
CA PHE A 64 -14.39 1.05 -12.36
C PHE A 64 -15.34 0.02 -11.80
N ILE A 65 -15.08 -0.45 -10.59
CA ILE A 65 -15.88 -1.51 -10.05
C ILE A 65 -16.09 -1.19 -8.60
N SER A 66 -17.34 -1.33 -8.13
CA SER A 66 -17.62 -1.11 -6.68
C SER A 66 -17.18 -2.33 -5.89
N ALA A 67 -16.63 -2.06 -4.70
CA ALA A 67 -16.42 -3.02 -3.64
C ALA A 67 -17.79 -3.54 -3.21
N SER A 68 -17.92 -4.86 -3.11
CA SER A 68 -19.10 -5.40 -2.44
C SER A 68 -18.79 -5.79 -0.98
N LYS A 69 -17.49 -6.01 -0.63
CA LYS A 69 -17.01 -6.39 0.74
C LYS A 69 -15.62 -5.81 1.05
N SER A 70 -15.41 -5.38 2.30
CA SER A 70 -14.12 -4.89 2.77
C SER A 70 -13.95 -5.61 4.09
N ILE A 71 -12.93 -6.47 4.19
CA ILE A 71 -12.70 -7.33 5.36
C ILE A 71 -11.34 -6.91 5.91
N VAL A 72 -11.39 -6.14 7.00
CA VAL A 72 -10.26 -5.66 7.74
C VAL A 72 -9.89 -6.82 8.65
N HIS A 73 -8.59 -7.03 8.88
CA HIS A 73 -8.12 -8.08 9.77
C HIS A 73 -8.79 -7.94 11.17
N PRO A 74 -9.24 -9.06 11.77
CA PRO A 74 -9.95 -9.12 13.06
C PRO A 74 -9.09 -8.60 14.22
N SER A 75 -7.79 -8.75 14.07
CA SER A 75 -6.79 -8.38 15.10
C SER A 75 -6.01 -7.13 14.73
N TYR A 76 -6.45 -6.37 13.72
CA TYR A 76 -5.99 -5.01 13.45
C TYR A 76 -6.02 -4.04 14.70
N ASN A 77 -4.89 -3.40 14.95
CA ASN A 77 -4.82 -2.41 16.00
C ASN A 77 -4.54 -1.07 15.36
N SER A 78 -5.46 -0.13 15.56
CA SER A 78 -5.33 1.22 15.04
C SER A 78 -4.18 1.98 15.72
N ASN A 79 -3.87 1.67 16.97
CA ASN A 79 -2.76 2.36 17.64
C ASN A 79 -1.36 1.87 17.21
N THR A 80 -1.17 0.57 17.07
CA THR A 80 0.13 0.04 16.79
C THR A 80 0.36 -0.07 15.28
N LEU A 81 -0.78 -0.16 14.56
CA LEU A 81 -0.84 -0.51 13.15
C LEU A 81 -0.36 -1.93 12.86
N ASN A 82 -0.51 -2.78 13.86
CA ASN A 82 -0.24 -4.20 13.73
C ASN A 82 -1.43 -4.87 13.04
N ASN A 83 -1.09 -5.80 12.14
CA ASN A 83 -2.07 -6.44 11.27
C ASN A 83 -2.76 -5.43 10.36
N ASP A 84 -1.98 -4.54 9.77
CA ASP A 84 -2.52 -3.50 8.89
C ASP A 84 -2.76 -4.05 7.45
N ILE A 85 -3.84 -4.82 7.29
CA ILE A 85 -4.22 -5.45 6.05
C ILE A 85 -5.78 -5.54 5.96
N MET A 86 -6.29 -5.38 4.74
CA MET A 86 -7.72 -5.45 4.42
C MET A 86 -7.92 -6.18 3.09
N LEU A 87 -8.98 -6.96 3.00
CA LEU A 87 -9.35 -7.57 1.73
C LEU A 87 -10.55 -6.90 1.17
N ILE A 88 -10.53 -6.58 -0.12
CA ILE A 88 -11.72 -6.03 -0.76
C ILE A 88 -12.19 -6.99 -1.87
N LYS A 89 -13.46 -7.43 -1.74
CA LYS A 89 -14.20 -8.09 -2.82
C LYS A 89 -14.81 -7.10 -3.84
N LEU A 90 -14.61 -7.43 -5.12
CA LEU A 90 -15.22 -6.67 -6.21
C LEU A 90 -16.66 -7.18 -6.45
N LYS A 91 -17.55 -6.24 -6.72
CA LYS A 91 -18.93 -6.55 -7.00
C LYS A 91 -19.06 -7.51 -8.19
N SER A 92 -18.16 -7.34 -9.16
CA SER A 92 -18.04 -8.30 -10.25
C SER A 92 -16.56 -8.38 -10.58
N ALA A 93 -16.16 -9.54 -11.16
CA ALA A 93 -14.82 -9.85 -11.57
C ALA A 93 -14.35 -8.84 -12.59
N ALA A 94 -13.10 -8.39 -12.46
CA ALA A 94 -12.37 -7.64 -13.44
C ALA A 94 -12.01 -8.46 -14.66
N SER A 95 -11.94 -7.82 -15.82
CA SER A 95 -11.37 -8.46 -17.00
C SER A 95 -9.88 -8.37 -16.93
N LEU A 96 -9.25 -9.53 -17.03
CA LEU A 96 -7.82 -9.61 -16.89
C LEU A 96 -7.16 -9.86 -18.25
N ASN A 97 -5.98 -9.25 -18.45
CA ASN A 97 -5.22 -9.11 -19.73
C ASN A 97 -3.78 -8.66 -19.35
N SER A 98 -3.02 -8.07 -20.28
CA SER A 98 -1.70 -7.50 -19.91
C SER A 98 -1.68 -6.23 -19.04
N ARG A 99 -2.66 -5.33 -19.22
CA ARG A 99 -2.72 -4.00 -18.55
C ARG A 99 -3.50 -4.01 -17.24
N VAL A 100 -4.16 -5.13 -16.97
CA VAL A 100 -4.80 -5.38 -15.68
C VAL A 100 -4.52 -6.86 -15.41
N ALA A 101 -3.73 -7.09 -14.36
CA ALA A 101 -3.25 -8.44 -14.00
C ALA A 101 -3.07 -8.58 -12.49
N SER A 102 -3.29 -9.80 -11.99
CA SER A 102 -3.14 -10.04 -10.56
C SER A 102 -1.65 -10.30 -10.28
N ILE A 103 -1.27 -10.11 -9.03
CA ILE A 103 0.12 -10.26 -8.57
C ILE A 103 0.08 -11.47 -7.62
N SER A 104 1.11 -12.32 -7.67
CA SER A 104 1.11 -13.54 -6.82
C SER A 104 1.36 -13.18 -5.40
N LEU A 105 0.79 -13.99 -4.52
CA LEU A 105 1.14 -14.05 -3.09
C LEU A 105 2.46 -14.79 -2.87
N PRO A 106 3.18 -14.41 -1.79
CA PRO A 106 4.48 -15.06 -1.53
C PRO A 106 4.29 -16.51 -1.08
N THR A 107 5.25 -17.36 -1.43
CA THR A 107 5.28 -18.72 -0.91
C THR A 107 6.32 -18.76 0.22
N SER A 108 7.28 -17.89 0.32
CA SER A 108 8.04 -17.62 1.55
C SER A 108 8.36 -16.14 1.78
N CYS A 109 8.85 -15.81 2.97
CA CYS A 109 9.18 -14.42 3.25
C CYS A 109 10.44 -14.05 2.50
N ALA A 110 10.61 -12.76 2.25
CA ALA A 110 11.82 -12.29 1.58
C ALA A 110 12.91 -11.90 2.59
N SER A 111 14.14 -11.72 2.12
CA SER A 111 15.22 -11.37 3.06
C SER A 111 15.79 -9.95 2.82
N ALA A 112 16.55 -9.59 3.77
CA ALA A 112 17.18 -8.28 3.89
C ALA A 112 18.06 -8.14 2.64
N GLY A 113 18.06 -6.95 2.02
CA GLY A 113 18.84 -6.68 0.81
C GLY A 113 18.09 -6.85 -0.49
N THR A 114 16.98 -7.57 -0.47
CA THR A 114 16.21 -7.82 -1.67
C THR A 114 15.66 -6.50 -2.19
N GLN A 115 15.82 -6.28 -3.49
CA GLN A 115 15.19 -5.12 -4.11
C GLN A 115 13.63 -5.29 -4.37
N CYS A 116 12.86 -4.23 -4.19
CA CYS A 116 11.43 -4.34 -4.31
C CYS A 116 10.95 -3.09 -5.03
N LEU A 117 9.72 -3.19 -5.57
CA LEU A 117 9.09 -2.15 -6.31
C LEU A 117 7.87 -1.68 -5.57
N ILE A 118 7.89 -0.40 -5.20
CA ILE A 118 6.82 0.30 -4.45
C ILE A 118 6.23 1.41 -5.35
N SER A 119 4.89 1.44 -5.46
CA SER A 119 4.21 2.36 -6.38
C SER A 119 2.97 3.00 -5.81
N GLY A 120 2.52 4.10 -6.44
CA GLY A 120 1.45 4.91 -5.87
C GLY A 120 1.31 6.33 -6.34
N TRP A 121 0.16 6.93 -6.02
CA TRP A 121 -0.15 8.31 -6.42
C TRP A 121 -0.06 9.21 -5.19
N GLY A 122 0.73 8.77 -4.20
CA GLY A 122 0.87 9.56 -2.97
C GLY A 122 1.77 10.72 -3.24
N ASN A 123 1.86 11.59 -2.25
CA ASN A 123 2.65 12.81 -2.24
C ASN A 123 4.13 12.55 -2.68
N THR A 124 4.69 13.47 -3.46
CA THR A 124 6.05 13.38 -4.06
C THR A 124 7.08 14.29 -3.37
N LYS A 125 6.62 15.01 -2.36
CA LYS A 125 7.48 15.92 -1.63
C LYS A 125 7.66 15.45 -0.20
N SER A 126 8.90 15.65 0.30
CA SER A 126 9.30 15.22 1.64
C SER A 126 9.09 16.30 2.70
N SER A 127 9.22 17.55 2.31
CA SER A 127 8.57 18.66 3.03
C SER A 127 7.63 19.33 2.02
N GLY A 128 6.52 19.90 2.50
CA GLY A 128 5.47 20.32 1.58
C GLY A 128 4.76 19.11 0.99
N THR A 129 3.75 19.36 0.16
CA THR A 129 2.99 18.29 -0.47
C THR A 129 2.74 18.52 -1.97
N SER A 130 2.75 17.43 -2.75
CA SER A 130 2.48 17.49 -4.19
C SER A 130 2.03 16.12 -4.69
N TYR A 131 0.81 16.07 -5.26
CA TYR A 131 0.19 14.85 -5.78
C TYR A 131 0.21 14.78 -7.32
N PRO A 132 0.72 13.65 -7.84
CA PRO A 132 0.92 13.44 -9.26
C PRO A 132 -0.42 13.06 -9.94
N ASP A 133 -0.50 13.25 -11.27
CA ASP A 133 -1.54 12.66 -12.12
C ASP A 133 -1.34 11.17 -12.41
N VAL A 134 -0.10 10.79 -12.76
CA VAL A 134 0.24 9.43 -13.24
C VAL A 134 1.00 8.61 -12.20
N LEU A 135 1.02 7.30 -12.37
CA LEU A 135 1.61 6.38 -11.34
C LEU A 135 3.15 6.51 -11.14
N LYS A 136 3.64 6.54 -9.90
CA LYS A 136 5.10 6.74 -9.60
C LYS A 136 5.65 5.41 -9.04
N CYS A 137 6.94 5.21 -9.22
CA CYS A 137 7.63 3.96 -8.92
C CYS A 137 8.89 4.29 -8.18
N LEU A 138 9.32 3.31 -7.38
CA LEU A 138 10.50 3.39 -6.54
C LEU A 138 11.07 1.97 -6.30
N LYS A 139 12.36 1.83 -6.62
CA LYS A 139 13.09 0.65 -6.26
C LYS A 139 13.82 0.85 -4.93
N ALA A 140 13.56 -0.08 -4.01
CA ALA A 140 14.04 0.02 -2.64
C ALA A 140 14.35 -1.37 -2.07
N PRO A 141 15.45 -1.48 -1.29
CA PRO A 141 15.77 -2.75 -0.68
C PRO A 141 15.12 -3.00 0.68
N ILE A 142 14.91 -4.27 1.00
CA ILE A 142 14.55 -4.65 2.38
C ILE A 142 15.77 -4.44 3.35
N LEU A 143 15.45 -3.98 4.55
CA LEU A 143 16.49 -3.66 5.52
C LEU A 143 16.53 -4.78 6.53
N SER A 144 17.71 -5.02 7.09
CA SER A 144 17.83 -5.99 8.22
C SER A 144 16.85 -5.73 9.38
N ASP A 145 16.50 -6.81 10.09
CA ASP A 145 15.61 -6.73 11.26
C ASP A 145 16.10 -5.67 12.25
N SER A 146 17.39 -5.79 12.62
CA SER A 146 18.03 -4.89 13.59
C SER A 146 18.04 -3.43 13.17
N SER A 147 18.36 -3.16 11.90
CA SER A 147 18.32 -1.78 11.41
C SER A 147 16.89 -1.18 11.46
N CYS A 148 15.88 -1.92 10.98
CA CYS A 148 14.50 -1.55 11.21
C CYS A 148 14.19 -1.30 12.71
N LYS A 149 14.43 -2.29 13.57
CA LYS A 149 14.19 -2.13 15.04
C LYS A 149 14.94 -0.94 15.64
N SER A 150 16.16 -0.74 15.19
CA SER A 150 16.95 0.39 15.60
C SER A 150 16.52 1.77 15.04
N ALA A 151 15.81 1.76 13.92
CA ALA A 151 15.23 2.98 13.35
C ALA A 151 13.94 3.35 14.15
N TYR A 152 13.14 2.35 14.50
CA TYR A 152 11.87 2.55 15.25
C TYR A 152 11.79 1.68 16.52
N PRO A 153 12.57 2.04 17.55
CA PRO A 153 12.61 1.39 18.86
C PRO A 153 11.28 1.03 19.47
N GLY A 154 11.04 -0.24 19.68
CA GLY A 154 9.71 -0.71 20.21
C GLY A 154 8.44 -0.70 19.34
N GLN A 155 8.51 -0.23 18.09
CA GLN A 155 7.24 -0.13 17.28
C GLN A 155 7.07 -1.23 16.24
N ILE A 156 8.12 -2.03 16.04
CA ILE A 156 8.16 -3.03 14.94
C ILE A 156 7.74 -4.38 15.48
N THR A 157 6.57 -4.82 15.06
CA THR A 157 6.11 -6.14 15.40
C THR A 157 6.66 -7.13 14.36
N SER A 158 6.40 -8.43 14.58
CA SER A 158 6.79 -9.47 13.61
C SER A 158 5.97 -9.45 12.30
N ASN A 159 4.96 -8.56 12.19
CA ASN A 159 4.16 -8.49 11.00
C ASN A 159 4.52 -7.22 10.20
N MET A 160 5.69 -6.67 10.47
CA MET A 160 6.17 -5.47 9.83
C MET A 160 7.58 -5.69 9.37
N PHE A 161 7.99 -4.96 8.34
CA PHE A 161 9.38 -4.86 7.96
C PHE A 161 9.58 -3.46 7.38
N CYS A 162 10.83 -3.00 7.43
CA CYS A 162 11.25 -1.78 6.77
C CYS A 162 11.84 -2.06 5.42
N ALA A 163 11.75 -1.06 4.57
CA ALA A 163 12.44 -1.05 3.31
C ALA A 163 12.68 0.40 2.97
N GLY A 164 13.77 0.68 2.23
CA GLY A 164 14.09 2.06 1.92
C GLY A 164 15.54 2.45 2.05
N TYR A 165 15.75 3.75 2.31
CA TYR A 165 17.07 4.37 2.28
C TYR A 165 17.33 5.17 3.58
N LEU A 166 18.33 4.73 4.33
CA LEU A 166 18.63 5.37 5.61
C LEU A 166 19.08 6.81 5.44
N GLU A 167 19.60 7.14 4.27
CA GLU A 167 20.12 8.50 4.04
C GLU A 167 19.08 9.61 3.73
N GLY A 168 17.81 9.22 3.53
CA GLY A 168 16.77 10.15 3.08
C GLY A 168 16.60 10.21 1.56
N GLY A 169 15.70 11.08 1.09
CA GLY A 169 15.46 11.29 -0.36
C GLY A 169 14.57 10.33 -1.13
N LYS A 170 14.36 9.14 -0.60
CA LYS A 170 13.65 8.11 -1.34
C LYS A 170 12.73 7.31 -0.44
N ASP A 171 11.40 7.40 -0.65
CA ASP A 171 10.40 6.72 0.23
C ASP A 171 9.02 6.69 -0.42
N SER A 172 8.12 5.92 0.18
CA SER A 172 6.70 6.02 0.00
C SER A 172 6.17 7.13 0.95
N CYS A 173 4.94 7.53 0.74
CA CYS A 173 4.40 8.71 1.41
C CYS A 173 2.86 8.67 1.55
N GLN A 174 2.28 9.78 2.02
CA GLN A 174 0.83 9.82 2.27
C GLN A 174 0.13 9.65 0.94
N GLY A 175 -0.95 8.86 0.86
CA GLY A 175 -1.55 8.58 -0.44
C GLY A 175 -1.13 7.23 -1.09
N ASP A 176 0.01 6.69 -0.65
CA ASP A 176 0.53 5.43 -1.21
C ASP A 176 0.06 4.19 -0.43
N SER A 177 -0.47 4.42 0.79
CA SER A 177 -0.99 3.38 1.70
C SER A 177 -1.94 2.48 1.01
N GLY A 178 -1.78 1.20 1.30
CA GLY A 178 -2.60 0.14 0.71
C GLY A 178 -1.86 -0.44 -0.43
N GLY A 179 -0.93 0.38 -0.97
CA GLY A 179 -0.18 0.07 -2.22
C GLY A 179 0.72 -1.17 -2.14
N PRO A 180 1.23 -1.65 -3.30
CA PRO A 180 2.10 -2.86 -3.29
C PRO A 180 3.63 -2.56 -3.01
N VAL A 181 4.27 -3.55 -2.36
CA VAL A 181 5.69 -3.72 -2.29
C VAL A 181 5.98 -5.08 -3.00
N VAL A 182 6.51 -5.01 -4.23
CA VAL A 182 6.75 -6.24 -4.98
C VAL A 182 8.19 -6.61 -5.05
N CYS A 183 8.50 -7.84 -4.59
CA CYS A 183 9.88 -8.37 -4.59
C CYS A 183 9.93 -9.76 -5.24
N SER A 184 10.91 -9.94 -6.16
CA SER A 184 10.92 -11.03 -7.14
C SER A 184 9.51 -11.61 -7.55
N GLY A 185 8.60 -10.72 -7.91
CA GLY A 185 7.33 -11.12 -8.51
C GLY A 185 6.24 -11.47 -7.53
N LYS A 186 6.50 -11.24 -6.24
CA LYS A 186 5.57 -11.55 -5.18
C LYS A 186 5.19 -10.27 -4.44
N LEU A 187 3.98 -10.25 -4.02
CA LEU A 187 3.47 -9.23 -3.09
C LEU A 187 3.97 -9.49 -1.64
N GLN A 188 5.12 -8.95 -1.26
CA GLN A 188 5.65 -9.15 0.09
C GLN A 188 5.20 -8.09 1.10
N GLY A 189 4.82 -6.88 0.63
CA GLY A 189 4.63 -5.77 1.57
C GLY A 189 3.42 -4.92 1.18
N ILE A 190 2.98 -4.07 2.11
CA ILE A 190 1.85 -3.15 1.90
C ILE A 190 2.19 -1.85 2.55
N VAL A 191 2.05 -0.78 1.79
CA VAL A 191 2.45 0.58 2.27
C VAL A 191 1.61 0.90 3.52
N SER A 192 2.32 1.09 4.62
CA SER A 192 1.62 1.19 5.86
C SER A 192 1.87 2.52 6.63
N TRP A 193 3.11 2.74 7.09
CA TRP A 193 3.41 3.92 7.87
C TRP A 193 4.90 4.19 7.92
N GLY A 194 5.24 5.34 8.52
CA GLY A 194 6.61 5.78 8.68
C GLY A 194 6.59 7.17 9.33
N SER A 195 7.76 7.63 9.69
CA SER A 195 7.82 8.79 10.49
C SER A 195 8.28 9.97 9.62
N GLY A 196 7.37 10.74 9.07
CA GLY A 196 7.64 11.57 7.89
C GLY A 196 7.72 10.74 6.62
N CYS A 197 8.13 11.41 5.53
CA CYS A 197 8.42 10.80 4.23
C CYS A 197 9.83 11.17 3.87
N ALA A 198 10.62 10.15 3.63
CA ALA A 198 11.97 10.30 3.08
C ALA A 198 12.96 11.03 4.05
N GLN A 199 12.73 10.82 5.34
CA GLN A 199 13.57 11.38 6.36
C GLN A 199 14.75 10.43 6.59
N LYS A 200 15.94 10.99 6.85
CA LYS A 200 17.13 10.24 7.24
C LYS A 200 16.85 9.39 8.51
N ASN A 201 17.25 8.12 8.45
CA ASN A 201 17.05 7.15 9.50
C ASN A 201 15.61 6.83 9.83
N LYS A 202 14.66 7.19 8.95
CA LYS A 202 13.25 6.87 9.16
C LYS A 202 12.78 6.26 7.85
N PRO A 203 13.03 4.96 7.68
CA PRO A 203 12.62 4.38 6.41
C PRO A 203 11.11 3.99 6.52
N GLY A 204 10.54 3.47 5.46
CA GLY A 204 9.12 3.09 5.56
C GLY A 204 8.97 1.71 6.17
N VAL A 205 7.75 1.36 6.53
CA VAL A 205 7.38 0.23 7.30
C VAL A 205 6.15 -0.26 6.61
N TYR A 206 6.16 -1.58 6.36
CA TYR A 206 5.25 -2.22 5.47
C TYR A 206 4.67 -3.44 6.21
N THR A 207 3.37 -3.69 6.02
CA THR A 207 2.75 -4.97 6.38
C THR A 207 3.40 -6.19 5.67
N LYS A 208 3.86 -7.14 6.48
CA LYS A 208 4.60 -8.32 6.01
C LYS A 208 3.62 -9.37 5.47
N VAL A 209 3.30 -9.23 4.19
CA VAL A 209 2.28 -10.06 3.58
C VAL A 209 2.50 -11.57 3.71
N CYS A 210 3.76 -12.03 3.77
CA CYS A 210 3.98 -13.48 3.91
C CYS A 210 3.40 -14.06 5.19
N ASN A 211 3.00 -13.24 6.18
CA ASN A 211 2.42 -13.86 7.41
C ASN A 211 0.92 -14.12 7.31
N TYR A 212 0.30 -13.74 6.18
CA TYR A 212 -1.15 -13.60 6.01
C TYR A 212 -1.65 -14.45 4.87
N VAL A 213 -0.73 -14.93 4.06
CA VAL A 213 -1.12 -15.96 3.02
C VAL A 213 -2.27 -16.96 3.37
N SER A 214 -2.13 -17.76 4.42
CA SER A 214 -3.22 -18.64 4.83
C SER A 214 -4.57 -17.96 5.19
N TRP A 215 -4.48 -16.83 5.91
CA TRP A 215 -5.63 -16.03 6.21
C TRP A 215 -6.31 -15.54 4.95
N ILE A 216 -5.51 -14.91 4.10
CA ILE A 216 -6.03 -14.40 2.83
C ILE A 216 -6.77 -15.53 2.14
N LYS A 217 -6.15 -16.75 2.06
CA LYS A 217 -6.67 -17.85 1.27
C LYS A 217 -7.96 -18.36 1.84
N GLN A 218 -7.99 -18.45 3.17
CA GLN A 218 -9.15 -18.94 3.83
C GLN A 218 -10.28 -17.93 3.88
N THR A 219 -9.98 -16.67 4.18
CA THR A 219 -10.98 -15.63 4.02
C THR A 219 -11.57 -15.66 2.60
N ILE A 220 -10.74 -15.62 1.59
CA ILE A 220 -11.31 -15.69 0.25
C ILE A 220 -12.23 -16.88 0.00
N ALA A 221 -11.87 -18.07 0.53
CA ALA A 221 -12.53 -19.31 0.21
C ALA A 221 -13.88 -19.34 0.91
N SER A 222 -13.96 -18.64 2.03
CA SER A 222 -15.19 -18.66 2.79
C SER A 222 -16.11 -17.49 2.45
N ASN A 223 -15.62 -16.55 1.66
CA ASN A 223 -16.48 -15.47 1.21
C ASN A 223 -16.74 -15.42 -0.31
N CYS B 7 -0.74 8.92 20.04
CA CYS B 7 -1.88 8.51 19.16
C CYS B 7 -1.91 9.38 17.89
N LYS B 8 -1.89 10.69 18.09
CA LYS B 8 -1.99 11.61 16.98
C LYS B 8 -0.78 11.53 16.07
N VAL B 9 0.42 11.41 16.67
CA VAL B 9 1.69 11.27 15.94
C VAL B 9 1.73 10.00 15.07
N MET B 10 1.21 8.90 15.62
CA MET B 10 0.98 7.70 14.86
C MET B 10 -0.08 7.87 13.73
N CYS B 11 -1.06 8.75 13.96
CA CYS B 11 -2.07 9.09 12.95
C CYS B 11 -1.36 9.70 11.77
N TYR B 12 -0.39 10.56 12.11
CA TYR B 12 0.37 11.24 11.09
C TYR B 12 1.31 10.30 10.38
N ALA B 13 1.67 9.20 11.05
CA ALA B 13 2.60 8.21 10.51
C ALA B 13 2.02 7.37 9.35
N GLN B 14 0.72 7.10 9.42
CA GLN B 14 -0.08 6.32 8.44
C GLN B 14 0.12 6.81 7.02
N ARG B 15 0.40 5.90 6.09
CA ARG B 15 0.69 6.38 4.72
C ARG B 15 -0.43 5.97 3.75
N SER B 18 -5.22 18.73 5.06
CA SER B 18 -4.97 17.32 5.38
C SER B 18 -6.17 16.43 5.06
N PRO B 19 -5.92 15.19 4.55
CA PRO B 19 -7.02 14.33 4.12
C PRO B 19 -7.99 13.92 5.24
N GLU B 20 -9.19 13.53 4.85
CA GLU B 20 -10.25 13.21 5.80
C GLU B 20 -9.97 12.05 6.77
N LEU B 21 -9.41 10.93 6.27
CA LEU B 21 -9.00 9.77 7.11
C LEU B 21 -8.01 10.17 8.23
N LEU B 22 -7.03 10.99 7.88
CA LEU B 22 -6.12 11.54 8.86
C LEU B 22 -6.90 12.34 9.88
N ARG B 23 -7.81 13.21 9.40
CA ARG B 23 -8.57 14.12 10.27
C ARG B 23 -9.42 13.30 11.26
N ARG B 24 -10.10 12.28 10.73
CA ARG B 24 -10.85 11.33 11.57
C ARG B 24 -9.97 10.75 12.71
N CYS B 25 -8.87 10.10 12.32
CA CYS B 25 -7.87 9.52 13.22
C CYS B 25 -7.49 10.57 14.27
N LEU B 26 -7.10 11.74 13.80
CA LEU B 26 -6.77 12.89 14.64
C LEU B 26 -7.86 13.22 15.65
N ASP B 27 -9.10 13.42 15.15
CA ASP B 27 -10.29 13.69 16.00
C ASP B 27 -10.48 12.55 17.03
N ASN B 28 -10.32 11.31 16.56
CA ASN B 28 -10.57 10.11 17.39
C ASN B 28 -9.64 9.89 18.58
N CYS B 29 -8.40 10.36 18.48
CA CYS B 29 -7.45 10.35 19.61
C CYS B 29 -7.93 11.16 20.83
#